data_2N7I
#
_entry.id   2N7I
#
_entity_poly.entity_id   1
_entity_poly.type   'polypeptide(L)'
_entity_poly.pdbx_seq_one_letter_code
;GSFTMNDTTVWISVAVLSAVICLIIVWAVALKGYSMV
;
_entity_poly.pdbx_strand_id   A
#
# COMPACT_ATOMS: atom_id res chain seq x y z
N GLY A 1 25.54 5.60 -6.06
CA GLY A 1 24.31 6.44 -6.15
C GLY A 1 23.75 6.79 -4.79
N SER A 2 23.74 8.07 -4.46
CA SER A 2 23.23 8.54 -3.17
C SER A 2 22.54 9.89 -3.31
N PHE A 3 21.38 10.03 -2.68
CA PHE A 3 20.61 11.26 -2.73
C PHE A 3 20.22 11.61 -4.15
N THR A 4 18.96 11.32 -4.50
CA THR A 4 18.46 11.61 -5.84
C THR A 4 17.31 12.61 -5.79
N MET A 5 16.35 12.36 -4.91
CA MET A 5 15.20 13.24 -4.76
C MET A 5 15.15 13.84 -3.36
N ASN A 6 14.42 14.95 -3.22
CA ASN A 6 14.30 15.63 -1.93
C ASN A 6 13.29 14.93 -1.02
N ASP A 7 12.73 15.68 -0.08
CA ASP A 7 11.75 15.15 0.85
C ASP A 7 10.52 14.58 0.13
N THR A 8 10.41 14.88 -1.17
CA THR A 8 9.29 14.39 -1.97
C THR A 8 9.12 12.88 -1.85
N THR A 9 10.17 12.15 -2.23
CA THR A 9 10.14 10.68 -2.18
C THR A 9 9.72 10.16 -0.81
N VAL A 10 10.02 10.92 0.24
CA VAL A 10 9.66 10.51 1.60
C VAL A 10 8.17 10.17 1.67
N TRP A 11 7.36 10.93 0.95
CA TRP A 11 5.93 10.70 0.93
C TRP A 11 5.56 9.61 -0.07
N ILE A 12 6.35 9.53 -1.15
CA ILE A 12 6.11 8.51 -2.18
C ILE A 12 6.16 7.12 -1.56
N SER A 13 7.12 6.90 -0.68
CA SER A 13 7.25 5.61 0.00
C SER A 13 5.96 5.31 0.74
N VAL A 14 5.33 6.35 1.27
CA VAL A 14 4.08 6.23 1.99
C VAL A 14 2.93 6.03 1.02
N ALA A 15 3.07 6.60 -0.18
CA ALA A 15 2.05 6.50 -1.21
C ALA A 15 1.78 5.05 -1.55
N VAL A 16 2.85 4.27 -1.67
CA VAL A 16 2.73 2.86 -2.01
C VAL A 16 2.05 2.07 -0.89
N LEU A 17 2.41 2.39 0.36
CA LEU A 17 1.82 1.72 1.51
C LEU A 17 0.30 1.77 1.44
N SER A 18 -0.21 2.93 1.07
CA SER A 18 -1.66 3.12 0.95
C SER A 18 -2.24 2.06 0.02
N ALA A 19 -1.54 1.78 -1.07
CA ALA A 19 -1.97 0.78 -2.01
C ALA A 19 -1.78 -0.63 -1.44
N VAL A 20 -0.69 -0.80 -0.68
CA VAL A 20 -0.39 -2.09 -0.07
C VAL A 20 -1.51 -2.55 0.86
N ILE A 21 -1.89 -1.71 1.81
CA ILE A 21 -2.96 -2.05 2.74
C ILE A 21 -4.24 -2.35 1.98
N CYS A 22 -4.41 -1.68 0.84
CA CYS A 22 -5.57 -1.89 0.00
C CYS A 22 -5.54 -3.30 -0.61
N LEU A 23 -4.33 -3.78 -0.90
CA LEU A 23 -4.14 -5.10 -1.49
C LEU A 23 -4.47 -6.21 -0.50
N ILE A 24 -3.88 -6.16 0.69
CA ILE A 24 -4.11 -7.18 1.70
C ILE A 24 -5.59 -7.38 1.99
N ILE A 25 -6.36 -6.30 1.95
CA ILE A 25 -7.79 -6.36 2.22
C ILE A 25 -8.48 -7.25 1.18
N VAL A 26 -8.01 -7.17 -0.05
CA VAL A 26 -8.54 -7.95 -1.14
C VAL A 26 -8.37 -9.45 -0.89
N TRP A 27 -7.16 -9.86 -0.52
CA TRP A 27 -6.86 -11.25 -0.25
C TRP A 27 -7.51 -11.71 1.05
N ALA A 28 -7.52 -10.82 2.02
CA ALA A 28 -8.10 -11.10 3.33
C ALA A 28 -9.59 -11.40 3.24
N VAL A 29 -10.16 -11.21 2.05
CA VAL A 29 -11.58 -11.47 1.83
C VAL A 29 -11.75 -12.58 0.79
N ALA A 30 -10.64 -13.06 0.28
CA ALA A 30 -10.63 -14.14 -0.69
C ALA A 30 -9.90 -15.32 -0.09
N LEU A 31 -9.37 -15.08 1.10
CA LEU A 31 -8.64 -16.06 1.89
C LEU A 31 -9.38 -16.25 3.20
N LYS A 32 -10.58 -15.69 3.28
CA LYS A 32 -11.40 -15.74 4.48
C LYS A 32 -12.68 -16.54 4.23
N GLY A 33 -12.82 -17.09 3.04
CA GLY A 33 -13.99 -17.87 2.71
C GLY A 33 -14.35 -17.79 1.25
N TYR A 34 -13.38 -18.11 0.40
CA TYR A 34 -13.57 -18.08 -1.05
C TYR A 34 -14.42 -19.26 -1.51
N SER A 35 -14.11 -20.46 -1.00
CA SER A 35 -14.84 -21.66 -1.38
C SER A 35 -14.68 -22.76 -0.33
N MET A 36 -13.45 -23.26 -0.18
CA MET A 36 -13.17 -24.33 0.76
C MET A 36 -11.99 -23.95 1.67
N VAL A 37 -12.10 -22.80 2.32
CA VAL A 37 -11.05 -22.33 3.22
C VAL A 37 -10.72 -23.37 4.28
N GLY A 1 4.15 23.67 -6.26
CA GLY A 1 4.67 22.85 -5.14
C GLY A 1 5.91 22.07 -5.54
N SER A 2 5.98 20.81 -5.13
CA SER A 2 7.12 19.96 -5.43
C SER A 2 8.42 20.58 -4.94
N PHE A 3 8.36 21.25 -3.79
CA PHE A 3 9.53 21.89 -3.21
C PHE A 3 10.49 20.87 -2.62
N THR A 4 11.79 21.17 -2.68
CA THR A 4 12.81 20.28 -2.16
C THR A 4 12.77 18.92 -2.85
N MET A 5 13.59 18.74 -3.87
CA MET A 5 13.65 17.48 -4.60
C MET A 5 14.56 16.49 -3.90
N ASN A 6 14.07 15.93 -2.80
CA ASN A 6 14.84 14.96 -2.03
C ASN A 6 13.94 14.23 -1.04
N ASP A 7 13.45 14.96 -0.05
CA ASP A 7 12.57 14.40 0.96
C ASP A 7 11.22 14.02 0.36
N THR A 8 10.99 14.45 -0.87
CA THR A 8 9.74 14.16 -1.57
C THR A 8 9.49 12.66 -1.64
N THR A 9 10.48 11.92 -2.11
CA THR A 9 10.36 10.46 -2.25
C THR A 9 9.91 9.81 -0.94
N VAL A 10 10.23 10.45 0.18
CA VAL A 10 9.85 9.92 1.49
C VAL A 10 8.34 9.73 1.56
N TRP A 11 7.60 10.68 0.99
CA TRP A 11 6.14 10.59 0.98
C TRP A 11 5.69 9.56 -0.05
N ILE A 12 6.43 9.47 -1.15
CA ILE A 12 6.11 8.51 -2.21
C ILE A 12 6.11 7.10 -1.64
N SER A 13 7.06 6.83 -0.75
CA SER A 13 7.14 5.52 -0.11
C SER A 13 5.86 5.27 0.68
N VAL A 14 5.32 6.34 1.25
CA VAL A 14 4.09 6.27 2.01
C VAL A 14 2.90 6.13 1.07
N ALA A 15 3.04 6.70 -0.13
CA ALA A 15 2.00 6.65 -1.14
C ALA A 15 1.66 5.20 -1.50
N VAL A 16 2.70 4.40 -1.66
CA VAL A 16 2.53 3.00 -2.00
C VAL A 16 1.82 2.23 -0.90
N LEU A 17 2.17 2.54 0.36
CA LEU A 17 1.56 1.86 1.50
C LEU A 17 0.05 1.99 1.44
N SER A 18 -0.42 3.17 1.08
CA SER A 18 -1.86 3.42 0.97
C SER A 18 -2.49 2.40 0.05
N ALA A 19 -1.80 2.09 -1.05
CA ALA A 19 -2.28 1.10 -2.00
C ALA A 19 -2.12 -0.31 -1.43
N VAL A 20 -1.05 -0.52 -0.69
CA VAL A 20 -0.75 -1.82 -0.10
C VAL A 20 -1.89 -2.32 0.80
N ILE A 21 -2.38 -1.46 1.69
CA ILE A 21 -3.46 -1.83 2.59
C ILE A 21 -4.67 -2.31 1.80
N CYS A 22 -4.91 -1.69 0.65
CA CYS A 22 -6.02 -2.07 -0.21
C CYS A 22 -5.82 -3.47 -0.77
N LEU A 23 -4.57 -3.80 -1.09
CA LEU A 23 -4.21 -5.10 -1.65
C LEU A 23 -4.44 -6.22 -0.63
N ILE A 24 -3.87 -6.07 0.55
CA ILE A 24 -4.01 -7.08 1.60
C ILE A 24 -5.47 -7.38 1.90
N ILE A 25 -6.32 -6.35 1.84
CA ILE A 25 -7.74 -6.52 2.11
C ILE A 25 -8.36 -7.48 1.10
N VAL A 26 -7.93 -7.35 -0.15
CA VAL A 26 -8.41 -8.19 -1.22
C VAL A 26 -8.19 -9.67 -0.90
N TRP A 27 -6.96 -10.00 -0.50
CA TRP A 27 -6.61 -11.37 -0.16
C TRP A 27 -7.23 -11.78 1.17
N ALA A 28 -7.26 -10.83 2.10
CA ALA A 28 -7.81 -11.06 3.43
C ALA A 28 -9.30 -11.35 3.40
N VAL A 29 -9.89 -11.21 2.21
CA VAL A 29 -11.31 -11.47 2.03
C VAL A 29 -11.52 -12.62 1.05
N ALA A 30 -10.41 -13.12 0.54
CA ALA A 30 -10.43 -14.24 -0.39
C ALA A 30 -9.70 -15.41 0.25
N LEU A 31 -9.14 -15.12 1.42
CA LEU A 31 -8.41 -16.07 2.23
C LEU A 31 -9.12 -16.20 3.57
N LYS A 32 -10.30 -15.62 3.64
CA LYS A 32 -11.10 -15.62 4.86
C LYS A 32 -12.39 -16.42 4.67
N GLY A 33 -12.73 -16.71 3.43
CA GLY A 33 -13.94 -17.47 3.15
C GLY A 33 -14.54 -17.12 1.80
N TYR A 34 -13.75 -17.31 0.76
CA TYR A 34 -14.20 -17.02 -0.60
C TYR A 34 -15.30 -17.99 -1.02
N SER A 35 -15.20 -19.23 -0.54
CA SER A 35 -16.18 -20.25 -0.85
C SER A 35 -16.19 -21.33 0.23
N MET A 36 -15.15 -22.16 0.24
CA MET A 36 -15.03 -23.23 1.21
C MET A 36 -13.60 -23.31 1.75
N VAL A 37 -13.13 -22.21 2.33
CA VAL A 37 -11.78 -22.15 2.89
C VAL A 37 -11.56 -23.25 3.92
N GLY A 1 22.33 16.68 0.64
CA GLY A 1 22.22 15.56 1.60
C GLY A 1 21.54 14.33 1.02
N SER A 2 21.40 14.33 -0.30
CA SER A 2 20.75 13.22 -0.99
C SER A 2 21.36 13.02 -2.39
N PHE A 3 21.06 11.88 -2.99
CA PHE A 3 21.56 11.56 -4.32
C PHE A 3 20.43 11.20 -5.27
N THR A 4 19.22 11.63 -4.92
CA THR A 4 18.05 11.36 -5.74
C THR A 4 17.34 12.66 -6.14
N MET A 5 16.74 13.32 -5.15
CA MET A 5 16.03 14.57 -5.40
C MET A 5 16.16 15.50 -4.20
N ASN A 6 15.48 15.17 -3.11
CA ASN A 6 15.52 15.98 -1.90
C ASN A 6 14.81 15.27 -0.74
N ASP A 7 13.49 15.40 -0.69
CA ASP A 7 12.70 14.78 0.36
C ASP A 7 11.30 14.42 -0.16
N THR A 8 11.10 14.59 -1.46
CA THR A 8 9.82 14.29 -2.07
C THR A 8 9.50 12.80 -1.99
N THR A 9 10.42 11.98 -2.47
CA THR A 9 10.26 10.53 -2.46
C THR A 9 9.88 10.01 -1.07
N VAL A 10 10.23 10.78 -0.03
CA VAL A 10 9.93 10.39 1.33
C VAL A 10 8.44 10.08 1.51
N TRP A 11 7.60 10.90 0.89
CA TRP A 11 6.15 10.72 0.97
C TRP A 11 5.68 9.67 -0.06
N ILE A 12 6.37 9.61 -1.20
CA ILE A 12 6.03 8.66 -2.23
C ILE A 12 6.07 7.24 -1.68
N SER A 13 7.03 6.98 -0.80
CA SER A 13 7.16 5.68 -0.17
C SER A 13 5.89 5.37 0.61
N VAL A 14 5.32 6.43 1.19
CA VAL A 14 4.09 6.31 1.96
C VAL A 14 2.91 6.11 1.03
N ALA A 15 3.01 6.68 -0.16
CA ALA A 15 1.97 6.56 -1.17
C ALA A 15 1.71 5.10 -1.51
N VAL A 16 2.79 4.33 -1.58
CA VAL A 16 2.71 2.91 -1.90
C VAL A 16 2.01 2.14 -0.78
N LEU A 17 2.36 2.46 0.47
CA LEU A 17 1.77 1.80 1.62
C LEU A 17 0.26 1.83 1.54
N SER A 18 -0.27 2.99 1.18
CA SER A 18 -1.71 3.17 1.05
C SER A 18 -2.28 2.11 0.11
N ALA A 19 -1.57 1.85 -0.97
CA ALA A 19 -1.99 0.85 -1.94
C ALA A 19 -1.80 -0.56 -1.37
N VAL A 20 -0.74 -0.74 -0.59
CA VAL A 20 -0.43 -2.04 0.00
C VAL A 20 -1.58 -2.52 0.90
N ILE A 21 -2.00 -1.68 1.85
CA ILE A 21 -3.09 -2.05 2.74
C ILE A 21 -4.34 -2.37 1.94
N CYS A 22 -4.49 -1.69 0.81
CA CYS A 22 -5.63 -1.91 -0.08
C CYS A 22 -5.57 -3.31 -0.69
N LEU A 23 -4.34 -3.77 -0.94
CA LEU A 23 -4.11 -5.09 -1.53
C LEU A 23 -4.42 -6.22 -0.55
N ILE A 24 -3.91 -6.11 0.67
CA ILE A 24 -4.12 -7.15 1.67
C ILE A 24 -5.61 -7.40 1.93
N ILE A 25 -6.41 -6.34 1.89
CA ILE A 25 -7.85 -6.47 2.12
C ILE A 25 -8.47 -7.37 1.08
N VAL A 26 -7.98 -7.26 -0.15
CA VAL A 26 -8.47 -8.05 -1.26
C VAL A 26 -8.30 -9.55 -0.97
N TRP A 27 -7.11 -9.93 -0.56
CA TRP A 27 -6.81 -11.33 -0.25
C TRP A 27 -7.49 -11.76 1.04
N ALA A 28 -7.50 -10.86 2.01
CA ALA A 28 -8.10 -11.12 3.31
C ALA A 28 -9.60 -11.34 3.19
N VAL A 29 -10.15 -11.11 2.01
CA VAL A 29 -11.57 -11.29 1.76
C VAL A 29 -11.78 -12.36 0.69
N ALA A 30 -10.67 -12.89 0.21
CA ALA A 30 -10.69 -13.95 -0.79
C ALA A 30 -10.04 -15.18 -0.20
N LEU A 31 -9.54 -15.00 1.03
CA LEU A 31 -8.91 -16.03 1.80
C LEU A 31 -9.70 -16.23 3.08
N LYS A 32 -10.85 -15.57 3.13
CA LYS A 32 -11.73 -15.60 4.28
C LYS A 32 -13.06 -16.28 3.95
N GLY A 33 -13.18 -16.77 2.72
CA GLY A 33 -14.40 -17.43 2.31
C GLY A 33 -14.48 -17.64 0.81
N TYR A 34 -13.39 -18.14 0.25
CA TYR A 34 -13.32 -18.39 -1.18
C TYR A 34 -14.20 -19.58 -1.59
N SER A 35 -14.85 -20.20 -0.60
CA SER A 35 -15.73 -21.33 -0.84
C SER A 35 -17.05 -20.87 -1.45
N MET A 36 -17.30 -19.56 -1.40
CA MET A 36 -18.53 -18.99 -1.94
C MET A 36 -18.23 -18.05 -3.11
N VAL A 37 -17.24 -18.41 -3.92
CA VAL A 37 -16.87 -17.60 -5.06
C VAL A 37 -18.01 -17.48 -6.07
N GLY A 1 24.09 23.49 -1.21
CA GLY A 1 23.31 24.35 -2.15
C GLY A 1 21.82 24.30 -1.87
N SER A 2 21.13 25.40 -2.14
CA SER A 2 19.69 25.49 -1.92
C SER A 2 18.94 25.43 -3.25
N PHE A 3 18.62 24.22 -3.69
CA PHE A 3 17.90 24.03 -4.95
C PHE A 3 16.39 24.06 -4.73
N THR A 4 15.98 24.61 -3.59
CA THR A 4 14.56 24.72 -3.24
C THR A 4 13.85 23.39 -3.42
N MET A 5 14.46 22.31 -2.94
CA MET A 5 13.88 20.98 -3.03
C MET A 5 12.89 20.73 -1.90
N ASN A 6 11.83 19.97 -2.21
CA ASN A 6 10.81 19.65 -1.21
C ASN A 6 10.74 18.14 -0.99
N ASP A 7 10.33 17.76 0.22
CA ASP A 7 10.21 16.35 0.57
C ASP A 7 9.08 15.68 -0.20
N THR A 8 9.41 15.20 -1.39
CA THR A 8 8.43 14.52 -2.24
C THR A 8 8.53 13.02 -2.10
N THR A 9 9.67 12.46 -2.51
CA THR A 9 9.90 11.02 -2.43
C THR A 9 9.62 10.50 -1.02
N VAL A 10 9.76 11.38 -0.04
CA VAL A 10 9.51 11.03 1.35
C VAL A 10 8.09 10.46 1.51
N TRP A 11 7.14 11.08 0.84
CA TRP A 11 5.74 10.65 0.89
C TRP A 11 5.50 9.52 -0.10
N ILE A 12 6.26 9.50 -1.19
CA ILE A 12 6.13 8.46 -2.21
C ILE A 12 6.27 7.08 -1.57
N SER A 13 7.26 6.94 -0.69
CA SER A 13 7.47 5.68 0.01
C SER A 13 6.20 5.28 0.75
N VAL A 14 5.52 6.29 1.28
CA VAL A 14 4.28 6.08 2.00
C VAL A 14 3.14 5.79 1.04
N ALA A 15 3.26 6.34 -0.17
CA ALA A 15 2.25 6.14 -1.21
C ALA A 15 2.09 4.66 -1.52
N VAL A 16 3.22 3.95 -1.54
CA VAL A 16 3.23 2.53 -1.82
C VAL A 16 2.57 1.74 -0.69
N LEU A 17 2.81 2.16 0.55
CA LEU A 17 2.23 1.50 1.71
C LEU A 17 0.71 1.47 1.60
N SER A 18 0.14 2.63 1.29
CA SER A 18 -1.31 2.74 1.14
C SER A 18 -1.82 1.70 0.14
N ALA A 19 -1.02 1.45 -0.89
CA ALA A 19 -1.37 0.46 -1.90
C ALA A 19 -1.25 -0.96 -1.34
N VAL A 20 -0.15 -1.21 -0.65
CA VAL A 20 0.12 -2.53 -0.08
C VAL A 20 -1.01 -2.96 0.87
N ILE A 21 -1.36 -2.08 1.81
CA ILE A 21 -2.43 -2.40 2.75
C ILE A 21 -3.74 -2.64 2.01
N CYS A 22 -3.90 -1.95 0.89
CA CYS A 22 -5.09 -2.10 0.07
C CYS A 22 -5.14 -3.49 -0.56
N LEU A 23 -3.95 -4.00 -0.89
CA LEU A 23 -3.81 -5.32 -1.50
C LEU A 23 -4.29 -6.43 -0.57
N ILE A 24 -3.79 -6.42 0.66
CA ILE A 24 -4.18 -7.45 1.64
C ILE A 24 -5.67 -7.46 1.88
N ILE A 25 -6.30 -6.28 1.87
CA ILE A 25 -7.73 -6.16 2.08
C ILE A 25 -8.49 -6.92 1.00
N VAL A 26 -7.97 -6.84 -0.21
CA VAL A 26 -8.57 -7.50 -1.35
C VAL A 26 -8.70 -9.00 -1.10
N TRP A 27 -7.61 -9.63 -0.65
CA TRP A 27 -7.60 -11.05 -0.36
C TRP A 27 -8.39 -11.36 0.90
N ALA A 28 -8.24 -10.50 1.90
CA ALA A 28 -8.93 -10.65 3.17
C ALA A 28 -10.44 -10.50 3.02
N VAL A 29 -10.87 -10.11 1.84
CA VAL A 29 -12.29 -9.94 1.55
C VAL A 29 -12.72 -10.89 0.45
N ALA A 30 -11.75 -11.66 -0.03
CA ALA A 30 -12.00 -12.65 -1.08
C ALA A 30 -11.69 -14.02 -0.51
N LEU A 31 -11.20 -14.00 0.73
CA LEU A 31 -10.85 -15.19 1.48
C LEU A 31 -11.69 -15.21 2.75
N LYS A 32 -12.67 -14.30 2.79
CA LYS A 32 -13.54 -14.15 3.94
C LYS A 32 -14.99 -14.50 3.60
N GLY A 33 -15.52 -13.82 2.60
CA GLY A 33 -16.89 -14.06 2.19
C GLY A 33 -17.06 -14.07 0.69
N TYR A 34 -16.10 -14.67 0.02
CA TYR A 34 -16.12 -14.78 -1.44
C TYR A 34 -17.32 -15.57 -1.92
N SER A 35 -17.92 -16.35 -1.02
CA SER A 35 -19.08 -17.17 -1.36
C SER A 35 -20.36 -16.35 -1.30
N MET A 36 -20.42 -15.41 -0.38
CA MET A 36 -21.59 -14.56 -0.21
C MET A 36 -21.36 -13.18 -0.81
N VAL A 37 -20.69 -13.13 -1.95
CA VAL A 37 -20.41 -11.87 -2.61
C VAL A 37 -21.63 -11.34 -3.36
N GLY A 1 23.04 24.74 -1.94
CA GLY A 1 23.83 24.15 -3.05
C GLY A 1 23.72 22.64 -3.11
N SER A 2 22.71 22.10 -2.45
CA SER A 2 22.48 20.66 -2.43
C SER A 2 22.08 20.14 -3.81
N PHE A 3 22.29 18.86 -4.04
CA PHE A 3 21.96 18.24 -5.33
C PHE A 3 20.63 17.49 -5.24
N THR A 4 19.66 17.93 -6.04
CA THR A 4 18.35 17.31 -6.07
C THR A 4 17.68 17.37 -4.69
N MET A 5 17.90 16.32 -3.88
CA MET A 5 17.32 16.26 -2.54
C MET A 5 15.81 16.42 -2.58
N ASN A 6 15.16 15.74 -3.52
CA ASN A 6 13.70 15.81 -3.65
C ASN A 6 13.02 15.16 -2.46
N ASP A 7 12.32 15.97 -1.67
CA ASP A 7 11.62 15.47 -0.49
C ASP A 7 10.30 14.80 -0.87
N THR A 8 9.85 15.03 -2.10
CA THR A 8 8.61 14.45 -2.59
C THR A 8 8.63 12.94 -2.46
N THR A 9 9.67 12.31 -3.00
CA THR A 9 9.81 10.86 -2.96
C THR A 9 9.66 10.30 -1.54
N VAL A 10 10.02 11.12 -0.55
CA VAL A 10 9.93 10.69 0.84
C VAL A 10 8.52 10.20 1.18
N TRP A 11 7.52 10.90 0.63
CA TRP A 11 6.13 10.54 0.87
C TRP A 11 5.68 9.44 -0.09
N ILE A 12 6.34 9.35 -1.24
CA ILE A 12 6.01 8.32 -2.23
C ILE A 12 6.09 6.93 -1.61
N SER A 13 7.14 6.70 -0.80
CA SER A 13 7.30 5.42 -0.14
C SER A 13 6.07 5.12 0.70
N VAL A 14 5.51 6.17 1.27
CA VAL A 14 4.31 6.07 2.09
C VAL A 14 3.09 5.87 1.20
N ALA A 15 3.15 6.45 0.01
CA ALA A 15 2.06 6.35 -0.94
C ALA A 15 1.82 4.89 -1.32
N VAL A 16 2.91 4.16 -1.50
CA VAL A 16 2.83 2.75 -1.87
C VAL A 16 2.17 1.94 -0.75
N LEU A 17 2.45 2.31 0.49
CA LEU A 17 1.87 1.62 1.64
C LEU A 17 0.35 1.68 1.55
N SER A 18 -0.16 2.85 1.17
CA SER A 18 -1.59 3.04 1.03
C SER A 18 -2.17 1.98 0.11
N ALA A 19 -1.41 1.63 -0.92
CA ALA A 19 -1.82 0.60 -1.86
C ALA A 19 -1.72 -0.78 -1.22
N VAL A 20 -0.64 -0.98 -0.46
CA VAL A 20 -0.40 -2.25 0.22
C VAL A 20 -1.57 -2.64 1.13
N ILE A 21 -1.95 -1.75 2.03
CA ILE A 21 -3.06 -2.03 2.94
C ILE A 21 -4.32 -2.37 2.15
N CYS A 22 -4.47 -1.75 0.99
CA CYS A 22 -5.62 -2.01 0.13
C CYS A 22 -5.54 -3.43 -0.44
N LEU A 23 -4.33 -3.88 -0.70
CA LEU A 23 -4.09 -5.21 -1.26
C LEU A 23 -4.43 -6.32 -0.26
N ILE A 24 -3.92 -6.21 0.96
CA ILE A 24 -4.17 -7.22 1.98
C ILE A 24 -5.67 -7.45 2.17
N ILE A 25 -6.45 -6.39 2.06
CA ILE A 25 -7.91 -6.50 2.20
C ILE A 25 -8.49 -7.33 1.07
N VAL A 26 -7.94 -7.15 -0.12
CA VAL A 26 -8.38 -7.88 -1.30
C VAL A 26 -8.24 -9.38 -1.09
N TRP A 27 -7.09 -9.79 -0.58
CA TRP A 27 -6.83 -11.20 -0.31
C TRP A 27 -7.65 -11.67 0.88
N ALA A 28 -7.71 -10.84 1.90
CA ALA A 28 -8.46 -11.17 3.11
C ALA A 28 -9.95 -11.28 2.83
N VAL A 29 -10.35 -10.91 1.61
CA VAL A 29 -11.74 -10.98 1.20
C VAL A 29 -11.89 -11.94 0.02
N ALA A 30 -10.76 -12.49 -0.40
CA ALA A 30 -10.72 -13.45 -1.48
C ALA A 30 -10.19 -14.77 -0.95
N LEU A 31 -9.85 -14.73 0.33
CA LEU A 31 -9.35 -15.88 1.08
C LEU A 31 -10.30 -16.12 2.24
N LYS A 32 -11.41 -15.38 2.23
CA LYS A 32 -12.41 -15.46 3.27
C LYS A 32 -13.74 -15.98 2.76
N GLY A 33 -13.95 -15.86 1.45
CA GLY A 33 -15.20 -16.32 0.86
C GLY A 33 -15.04 -16.81 -0.56
N TYR A 34 -13.84 -17.26 -0.89
CA TYR A 34 -13.55 -17.78 -2.23
C TYR A 34 -14.31 -19.07 -2.49
N SER A 35 -14.97 -19.59 -1.46
CA SER A 35 -15.73 -20.83 -1.57
C SER A 35 -17.13 -20.56 -2.08
N MET A 36 -17.73 -19.46 -1.63
CA MET A 36 -19.08 -19.08 -2.04
C MET A 36 -19.05 -18.12 -3.21
N VAL A 37 -18.08 -18.32 -4.11
CA VAL A 37 -17.93 -17.48 -5.29
C VAL A 37 -19.06 -17.73 -6.29
N GLY A 1 18.71 26.72 4.63
CA GLY A 1 17.45 26.35 3.93
C GLY A 1 17.69 25.99 2.48
N SER A 2 18.12 24.75 2.23
CA SER A 2 18.39 24.29 0.87
C SER A 2 17.42 23.19 0.48
N PHE A 3 16.94 23.25 -0.76
CA PHE A 3 16.00 22.28 -1.28
C PHE A 3 16.68 21.35 -2.29
N THR A 4 17.98 21.13 -2.11
CA THR A 4 18.75 20.27 -2.99
C THR A 4 18.31 18.82 -2.87
N MET A 5 17.59 18.51 -1.80
CA MET A 5 17.11 17.16 -1.56
C MET A 5 15.61 17.16 -1.29
N ASN A 6 14.81 17.15 -2.37
CA ASN A 6 13.37 17.14 -2.25
C ASN A 6 12.90 15.91 -1.49
N ASP A 7 12.03 16.11 -0.51
CA ASP A 7 11.50 15.01 0.29
C ASP A 7 10.31 14.36 -0.41
N THR A 8 10.22 14.54 -1.72
CA THR A 8 9.13 13.97 -2.49
C THR A 8 9.06 12.46 -2.29
N THR A 9 10.17 11.78 -2.54
CA THR A 9 10.24 10.33 -2.38
C THR A 9 9.79 9.89 -1.00
N VAL A 10 9.94 10.77 -0.01
CA VAL A 10 9.54 10.44 1.35
C VAL A 10 8.05 10.11 1.41
N TRP A 11 7.26 10.84 0.64
CA TRP A 11 5.82 10.61 0.59
C TRP A 11 5.49 9.46 -0.36
N ILE A 12 6.39 9.22 -1.31
CA ILE A 12 6.22 8.14 -2.27
C ILE A 12 6.24 6.79 -1.57
N SER A 13 7.24 6.58 -0.71
CA SER A 13 7.35 5.34 0.04
C SER A 13 6.09 5.13 0.87
N VAL A 14 5.56 6.25 1.38
CA VAL A 14 4.35 6.25 2.18
C VAL A 14 3.14 6.04 1.28
N ALA A 15 3.26 6.51 0.05
CA ALA A 15 2.19 6.40 -0.94
C ALA A 15 1.89 4.93 -1.24
N VAL A 16 2.95 4.14 -1.29
CA VAL A 16 2.81 2.72 -1.57
C VAL A 16 2.15 1.97 -0.41
N LEU A 17 2.42 2.42 0.82
CA LEU A 17 1.85 1.79 2.00
C LEU A 17 0.33 1.86 1.95
N SER A 18 -0.20 3.04 1.67
CA SER A 18 -1.64 3.23 1.58
C SER A 18 -2.22 2.24 0.58
N ALA A 19 -1.48 1.98 -0.48
CA ALA A 19 -1.89 1.03 -1.50
C ALA A 19 -1.79 -0.40 -0.98
N VAL A 20 -0.74 -0.66 -0.20
CA VAL A 20 -0.50 -2.00 0.34
C VAL A 20 -1.67 -2.47 1.20
N ILE A 21 -2.07 -1.66 2.18
CA ILE A 21 -3.18 -2.03 3.05
C ILE A 21 -4.42 -2.34 2.23
N CYS A 22 -4.58 -1.64 1.11
CA CYS A 22 -5.72 -1.85 0.22
C CYS A 22 -5.64 -3.23 -0.43
N LEU A 23 -4.40 -3.66 -0.72
CA LEU A 23 -4.16 -4.95 -1.36
C LEU A 23 -4.46 -6.12 -0.42
N ILE A 24 -3.88 -6.09 0.78
CA ILE A 24 -4.08 -7.16 1.75
C ILE A 24 -5.56 -7.43 2.00
N ILE A 25 -6.36 -6.38 2.00
CA ILE A 25 -7.79 -6.52 2.24
C ILE A 25 -8.44 -7.32 1.11
N VAL A 26 -7.95 -7.09 -0.10
CA VAL A 26 -8.47 -7.77 -1.28
C VAL A 26 -8.27 -9.29 -1.15
N TRP A 27 -7.06 -9.69 -0.78
CA TRP A 27 -6.74 -11.12 -0.63
C TRP A 27 -7.42 -11.69 0.60
N ALA A 28 -7.43 -10.91 1.67
CA ALA A 28 -8.03 -11.33 2.94
C ALA A 28 -9.52 -11.55 2.79
N VAL A 29 -10.07 -11.18 1.64
CA VAL A 29 -11.49 -11.35 1.36
C VAL A 29 -11.70 -12.29 0.18
N ALA A 30 -10.58 -12.73 -0.39
CA ALA A 30 -10.60 -13.65 -1.51
C ALA A 30 -9.92 -14.93 -1.08
N LEU A 31 -9.43 -14.89 0.16
CA LEU A 31 -8.75 -16.02 0.79
C LEU A 31 -9.53 -16.38 2.04
N LYS A 32 -10.70 -15.75 2.17
CA LYS A 32 -11.57 -15.95 3.31
C LYS A 32 -12.89 -16.61 2.89
N GLY A 33 -12.80 -17.53 1.92
CA GLY A 33 -14.00 -18.21 1.43
C GLY A 33 -13.79 -18.89 0.09
N TYR A 34 -12.57 -18.79 -0.44
CA TYR A 34 -12.24 -19.41 -1.71
C TYR A 34 -11.83 -20.87 -1.52
N SER A 35 -11.37 -21.19 -0.32
CA SER A 35 -10.92 -22.54 0.01
C SER A 35 -12.11 -23.49 0.10
N MET A 36 -13.31 -22.93 0.23
CA MET A 36 -14.52 -23.73 0.34
C MET A 36 -15.41 -23.55 -0.89
N VAL A 37 -14.78 -23.49 -2.06
CA VAL A 37 -15.52 -23.34 -3.31
C VAL A 37 -16.37 -24.56 -3.61
N GLY A 1 26.39 14.10 -7.59
CA GLY A 1 25.98 12.91 -6.80
C GLY A 1 25.00 13.27 -5.70
N SER A 2 23.72 12.98 -5.94
CA SER A 2 22.68 13.28 -4.97
C SER A 2 21.52 12.30 -5.10
N PHE A 3 20.93 11.93 -3.96
CA PHE A 3 19.80 11.00 -3.95
C PHE A 3 18.90 11.27 -2.74
N THR A 4 19.11 12.41 -2.10
CA THR A 4 18.32 12.79 -0.93
C THR A 4 17.69 14.16 -1.13
N MET A 5 16.44 14.19 -1.60
CA MET A 5 15.72 15.43 -1.83
C MET A 5 15.24 16.03 -0.51
N ASN A 6 14.40 17.06 -0.60
CA ASN A 6 13.86 17.71 0.59
C ASN A 6 13.17 16.71 1.51
N ASP A 7 11.98 16.27 1.10
CA ASP A 7 11.23 15.29 1.88
C ASP A 7 10.03 14.77 1.07
N THR A 8 9.97 15.14 -0.20
CA THR A 8 8.89 14.71 -1.06
C THR A 8 8.87 13.19 -1.19
N THR A 9 10.00 12.62 -1.58
CA THR A 9 10.12 11.17 -1.74
C THR A 9 9.66 10.42 -0.50
N VAL A 10 9.71 11.09 0.65
CA VAL A 10 9.31 10.46 1.91
C VAL A 10 7.84 10.01 1.82
N TRP A 11 7.03 10.80 1.15
CA TRP A 11 5.62 10.49 0.98
C TRP A 11 5.43 9.48 -0.16
N ILE A 12 6.32 9.54 -1.15
CA ILE A 12 6.27 8.61 -2.28
C ILE A 12 6.37 7.18 -1.79
N SER A 13 7.29 6.95 -0.84
CA SER A 13 7.47 5.61 -0.27
C SER A 13 6.17 5.18 0.39
N VAL A 14 5.48 6.15 0.98
CA VAL A 14 4.22 5.91 1.65
C VAL A 14 3.12 5.67 0.61
N ALA A 15 3.29 6.29 -0.55
CA ALA A 15 2.34 6.17 -1.64
C ALA A 15 2.09 4.71 -2.00
N VAL A 16 3.18 3.95 -2.12
CA VAL A 16 3.07 2.54 -2.45
C VAL A 16 2.39 1.76 -1.32
N LEU A 17 2.73 2.08 -0.08
CA LEU A 17 2.13 1.42 1.07
C LEU A 17 0.62 1.49 0.99
N SER A 18 0.11 2.64 0.60
CA SER A 18 -1.32 2.85 0.45
C SER A 18 -1.92 1.78 -0.44
N ALA A 19 -1.21 1.46 -1.53
CA ALA A 19 -1.67 0.44 -2.46
C ALA A 19 -1.50 -0.95 -1.85
N VAL A 20 -0.40 -1.15 -1.14
CA VAL A 20 -0.11 -2.44 -0.51
C VAL A 20 -1.21 -2.82 0.47
N ILE A 21 -1.52 -1.93 1.41
CA ILE A 21 -2.57 -2.19 2.39
C ILE A 21 -3.89 -2.48 1.68
N CYS A 22 -4.08 -1.84 0.54
CA CYS A 22 -5.29 -2.03 -0.25
C CYS A 22 -5.34 -3.44 -0.81
N LEU A 23 -4.16 -3.98 -1.12
CA LEU A 23 -4.04 -5.32 -1.67
C LEU A 23 -4.38 -6.39 -0.62
N ILE A 24 -3.73 -6.32 0.53
CA ILE A 24 -3.95 -7.30 1.60
C ILE A 24 -5.42 -7.38 2.00
N ILE A 25 -6.12 -6.26 1.98
CA ILE A 25 -7.53 -6.23 2.35
C ILE A 25 -8.34 -7.09 1.40
N VAL A 26 -7.98 -7.05 0.13
CA VAL A 26 -8.65 -7.82 -0.91
C VAL A 26 -8.60 -9.32 -0.59
N TRP A 27 -7.40 -9.80 -0.29
CA TRP A 27 -7.20 -11.21 0.03
C TRP A 27 -7.78 -11.55 1.39
N ALA A 28 -7.65 -10.60 2.32
CA ALA A 28 -8.15 -10.78 3.67
C ALA A 28 -9.67 -10.89 3.70
N VAL A 29 -10.29 -10.67 2.56
CA VAL A 29 -11.75 -10.75 2.45
C VAL A 29 -12.12 -11.86 1.46
N ALA A 30 -11.11 -12.50 0.91
CA ALA A 30 -11.30 -13.60 -0.02
C ALA A 30 -10.68 -14.84 0.58
N LEU A 31 -10.06 -14.64 1.74
CA LEU A 31 -9.43 -15.69 2.52
C LEU A 31 -10.11 -15.75 3.88
N LYS A 32 -11.20 -15.00 3.99
CA LYS A 32 -11.95 -14.91 5.24
C LYS A 32 -13.35 -15.50 5.10
N GLY A 33 -13.44 -16.69 4.50
CA GLY A 33 -14.73 -17.33 4.33
C GLY A 33 -14.82 -18.14 3.05
N TYR A 34 -13.74 -18.14 2.27
CA TYR A 34 -13.70 -18.87 1.02
C TYR A 34 -12.91 -20.18 1.18
N SER A 35 -12.03 -20.20 2.18
CA SER A 35 -11.21 -21.39 2.43
C SER A 35 -12.06 -22.54 2.95
N MET A 36 -13.33 -22.26 3.23
CA MET A 36 -14.25 -23.28 3.73
C MET A 36 -15.48 -23.40 2.85
N VAL A 37 -15.30 -23.23 1.54
CA VAL A 37 -16.40 -23.31 0.59
C VAL A 37 -17.00 -24.71 0.56
N GLY A 1 17.32 28.31 -4.74
CA GLY A 1 17.25 27.99 -3.29
C GLY A 1 16.09 28.64 -2.59
N SER A 2 16.12 28.67 -1.26
CA SER A 2 15.06 29.27 -0.46
C SER A 2 13.73 28.56 -0.70
N PHE A 3 13.02 28.97 -1.74
CA PHE A 3 11.74 28.37 -2.08
C PHE A 3 11.92 27.13 -2.94
N THR A 4 11.97 25.97 -2.29
CA THR A 4 12.15 24.70 -2.99
C THR A 4 11.56 23.54 -2.19
N MET A 5 12.18 23.26 -1.04
CA MET A 5 11.74 22.18 -0.16
C MET A 5 11.88 20.82 -0.84
N ASN A 6 12.70 19.95 -0.24
CA ASN A 6 12.92 18.62 -0.79
C ASN A 6 12.52 17.55 0.22
N ASP A 7 11.48 16.80 -0.12
CA ASP A 7 10.98 15.74 0.75
C ASP A 7 9.82 14.99 0.08
N THR A 8 9.58 15.31 -1.18
CA THR A 8 8.50 14.67 -1.94
C THR A 8 8.60 13.15 -1.89
N THR A 9 9.75 12.63 -2.31
CA THR A 9 9.97 11.18 -2.33
C THR A 9 9.66 10.53 -0.99
N VAL A 10 9.78 11.30 0.10
CA VAL A 10 9.50 10.77 1.43
C VAL A 10 8.06 10.29 1.53
N TRP A 11 7.14 11.06 0.94
CA TRP A 11 5.72 10.69 0.96
C TRP A 11 5.44 9.62 -0.08
N ILE A 12 6.25 9.61 -1.14
CA ILE A 12 6.11 8.63 -2.21
C ILE A 12 6.26 7.21 -1.65
N SER A 13 7.23 7.04 -0.75
CA SER A 13 7.45 5.74 -0.13
C SER A 13 6.20 5.32 0.61
N VAL A 14 5.52 6.30 1.20
CA VAL A 14 4.28 6.07 1.92
C VAL A 14 3.14 5.79 0.96
N ALA A 15 3.25 6.38 -0.24
CA ALA A 15 2.24 6.21 -1.27
C ALA A 15 2.02 4.73 -1.58
N VAL A 16 3.12 3.99 -1.65
CA VAL A 16 3.08 2.57 -1.95
C VAL A 16 2.43 1.80 -0.81
N LEU A 17 2.77 2.15 0.43
CA LEU A 17 2.20 1.48 1.60
C LEU A 17 0.68 1.47 1.53
N SER A 18 0.12 2.61 1.15
CA SER A 18 -1.33 2.74 1.03
C SER A 18 -1.88 1.65 0.11
N ALA A 19 -1.15 1.40 -0.98
CA ALA A 19 -1.55 0.37 -1.94
C ALA A 19 -1.33 -1.02 -1.36
N VAL A 20 -0.25 -1.17 -0.60
CA VAL A 20 0.08 -2.46 0.00
C VAL A 20 -1.03 -2.92 0.96
N ILE A 21 -1.40 -2.07 1.90
CA ILE A 21 -2.46 -2.41 2.85
C ILE A 21 -3.75 -2.71 2.10
N CYS A 22 -3.94 -2.02 0.98
CA CYS A 22 -5.12 -2.22 0.15
C CYS A 22 -5.10 -3.62 -0.47
N LEU A 23 -3.90 -4.10 -0.78
CA LEU A 23 -3.73 -5.42 -1.38
C LEU A 23 -4.22 -6.53 -0.46
N ILE A 24 -3.69 -6.56 0.77
CA ILE A 24 -4.07 -7.58 1.74
C ILE A 24 -5.58 -7.61 1.97
N ILE A 25 -6.21 -6.44 1.94
CA ILE A 25 -7.64 -6.34 2.16
C ILE A 25 -8.40 -7.11 1.08
N VAL A 26 -7.89 -6.99 -0.14
CA VAL A 26 -8.49 -7.67 -1.28
C VAL A 26 -8.56 -9.17 -1.03
N TRP A 27 -7.45 -9.74 -0.58
CA TRP A 27 -7.38 -11.17 -0.30
C TRP A 27 -8.16 -11.51 0.96
N ALA A 28 -8.05 -10.65 1.96
CA ALA A 28 -8.72 -10.83 3.24
C ALA A 28 -10.23 -10.72 3.10
N VAL A 29 -10.69 -10.34 1.91
CA VAL A 29 -12.11 -10.21 1.63
C VAL A 29 -12.51 -11.19 0.53
N ALA A 30 -11.53 -11.93 0.04
CA ALA A 30 -11.76 -12.92 -0.98
C ALA A 30 -11.39 -14.29 -0.42
N LEU A 31 -10.89 -14.24 0.81
CA LEU A 31 -10.50 -15.42 1.55
C LEU A 31 -11.33 -15.47 2.83
N LYS A 32 -12.32 -14.58 2.90
CA LYS A 32 -13.19 -14.46 4.05
C LYS A 32 -14.62 -14.84 3.70
N GLY A 33 -14.84 -15.18 2.43
CA GLY A 33 -16.17 -15.57 1.98
C GLY A 33 -16.54 -14.90 0.67
N TYR A 34 -15.73 -15.14 -0.34
CA TYR A 34 -15.94 -14.58 -1.67
C TYR A 34 -17.20 -15.15 -2.31
N SER A 35 -17.82 -16.11 -1.64
CA SER A 35 -19.03 -16.74 -2.15
C SER A 35 -20.27 -15.87 -1.91
N MET A 36 -20.27 -15.14 -0.80
CA MET A 36 -21.38 -14.27 -0.45
C MET A 36 -20.93 -12.83 -0.21
N VAL A 37 -20.04 -12.34 -1.06
CA VAL A 37 -19.54 -10.98 -0.95
C VAL A 37 -20.54 -9.97 -1.48
N GLY A 1 18.82 7.54 8.90
CA GLY A 1 17.63 8.08 8.19
C GLY A 1 17.43 9.57 8.43
N SER A 2 18.16 10.39 7.68
CA SER A 2 18.05 11.84 7.83
C SER A 2 18.11 12.52 6.47
N PHE A 3 17.16 13.43 6.22
CA PHE A 3 17.10 14.16 4.96
C PHE A 3 16.83 15.64 5.19
N THR A 4 17.66 16.49 4.58
CA THR A 4 17.51 17.93 4.73
C THR A 4 16.83 18.53 3.51
N MET A 5 15.95 19.50 3.73
CA MET A 5 15.22 20.17 2.66
C MET A 5 14.32 19.19 1.91
N ASN A 6 14.90 18.43 0.98
CA ASN A 6 14.14 17.47 0.19
C ASN A 6 13.54 16.39 1.11
N ASP A 7 12.33 15.95 0.75
CA ASP A 7 11.63 14.94 1.53
C ASP A 7 10.43 14.40 0.76
N THR A 8 10.37 14.72 -0.53
CA THR A 8 9.28 14.28 -1.38
C THR A 8 9.16 12.77 -1.40
N THR A 9 10.28 12.10 -1.70
CA THR A 9 10.31 10.65 -1.77
C THR A 9 9.78 10.01 -0.49
N VAL A 10 9.90 10.72 0.63
CA VAL A 10 9.42 10.20 1.91
C VAL A 10 7.93 9.92 1.85
N TRP A 11 7.21 10.76 1.10
CA TRP A 11 5.77 10.59 0.95
C TRP A 11 5.47 9.55 -0.12
N ILE A 12 6.37 9.44 -1.09
CA ILE A 12 6.22 8.46 -2.17
C ILE A 12 6.20 7.05 -1.59
N SER A 13 7.12 6.77 -0.68
CA SER A 13 7.20 5.48 -0.04
C SER A 13 5.88 5.19 0.67
N VAL A 14 5.29 6.25 1.20
CA VAL A 14 4.01 6.17 1.89
C VAL A 14 2.87 6.01 0.90
N ALA A 15 3.08 6.56 -0.30
CA ALA A 15 2.10 6.49 -1.37
C ALA A 15 1.79 5.04 -1.73
N VAL A 16 2.84 4.24 -1.85
CA VAL A 16 2.70 2.83 -2.19
C VAL A 16 1.95 2.06 -1.10
N LEU A 17 2.27 2.37 0.16
CA LEU A 17 1.62 1.70 1.29
C LEU A 17 0.11 1.78 1.16
N SER A 18 -0.38 2.96 0.79
CA SER A 18 -1.81 3.16 0.62
C SER A 18 -2.39 2.12 -0.33
N ALA A 19 -1.65 1.85 -1.40
CA ALA A 19 -2.06 0.86 -2.38
C ALA A 19 -1.93 -0.56 -1.82
N VAL A 20 -0.85 -0.77 -1.06
CA VAL A 20 -0.57 -2.08 -0.47
C VAL A 20 -1.69 -2.52 0.48
N ILE A 21 -2.04 -1.65 1.43
CA ILE A 21 -3.10 -1.99 2.38
C ILE A 21 -4.38 -2.35 1.65
N CYS A 22 -4.60 -1.74 0.50
CA CYS A 22 -5.78 -2.01 -0.31
C CYS A 22 -5.73 -3.42 -0.87
N LEU A 23 -4.51 -3.87 -1.19
CA LEU A 23 -4.29 -5.19 -1.75
C LEU A 23 -4.49 -6.28 -0.71
N ILE A 24 -3.86 -6.12 0.46
CA ILE A 24 -3.97 -7.10 1.54
C ILE A 24 -5.44 -7.33 1.93
N ILE A 25 -6.24 -6.27 1.91
CA ILE A 25 -7.65 -6.38 2.27
C ILE A 25 -8.37 -7.30 1.30
N VAL A 26 -7.99 -7.22 0.04
CA VAL A 26 -8.59 -8.04 -1.00
C VAL A 26 -8.36 -9.52 -0.71
N TRP A 27 -7.12 -9.88 -0.39
CA TRP A 27 -6.77 -11.27 -0.09
C TRP A 27 -7.33 -11.69 1.26
N ALA A 28 -7.25 -10.79 2.22
CA ALA A 28 -7.72 -11.05 3.57
C ALA A 28 -9.23 -11.26 3.60
N VAL A 29 -9.88 -11.02 2.47
CA VAL A 29 -11.32 -11.19 2.36
C VAL A 29 -11.65 -12.26 1.32
N ALA A 30 -10.60 -12.80 0.73
CA ALA A 30 -10.72 -13.86 -0.27
C ALA A 30 -10.03 -15.09 0.26
N LEU A 31 -9.40 -14.91 1.42
CA LEU A 31 -8.68 -15.95 2.13
C LEU A 31 -9.33 -16.13 3.50
N LYS A 32 -10.47 -15.47 3.66
CA LYS A 32 -11.21 -15.49 4.91
C LYS A 32 -12.57 -16.16 4.73
N GLY A 33 -12.92 -16.47 3.48
CA GLY A 33 -14.18 -17.11 3.19
C GLY A 33 -14.54 -17.07 1.73
N TYR A 34 -13.80 -16.25 0.97
CA TYR A 34 -14.01 -16.08 -0.47
C TYR A 34 -15.49 -16.19 -0.87
N SER A 35 -16.37 -15.71 0.00
CA SER A 35 -17.81 -15.75 -0.26
C SER A 35 -18.28 -14.48 -0.96
N MET A 36 -17.62 -13.37 -0.66
CA MET A 36 -17.98 -12.09 -1.26
C MET A 36 -16.91 -11.64 -2.25
N VAL A 37 -16.35 -12.60 -2.98
CA VAL A 37 -15.31 -12.30 -3.96
C VAL A 37 -15.88 -11.53 -5.15
N GLY A 1 20.82 15.94 8.68
CA GLY A 1 20.91 16.89 7.54
C GLY A 1 19.63 17.65 7.30
N SER A 2 19.34 17.96 6.05
CA SER A 2 18.13 18.69 5.68
C SER A 2 17.42 18.03 4.52
N PHE A 3 18.11 17.90 3.39
CA PHE A 3 17.54 17.28 2.19
C PHE A 3 16.24 17.96 1.79
N THR A 4 16.36 19.08 1.09
CA THR A 4 15.20 19.83 0.65
C THR A 4 15.02 19.72 -0.87
N MET A 5 15.10 18.50 -1.38
CA MET A 5 14.94 18.24 -2.80
C MET A 5 14.48 16.82 -3.05
N ASN A 6 15.18 15.86 -2.46
CA ASN A 6 14.85 14.45 -2.61
C ASN A 6 13.84 14.00 -1.56
N ASP A 7 13.42 14.94 -0.72
CA ASP A 7 12.45 14.65 0.33
C ASP A 7 11.12 14.20 -0.25
N THR A 8 10.89 14.53 -1.52
CA THR A 8 9.65 14.17 -2.20
C THR A 8 9.40 12.66 -2.09
N THR A 9 10.38 11.87 -2.56
CA THR A 9 10.27 10.42 -2.54
C THR A 9 9.94 9.90 -1.15
N VAL A 10 10.30 10.66 -0.12
CA VAL A 10 10.03 10.24 1.26
C VAL A 10 8.54 9.99 1.47
N TRP A 11 7.72 10.84 0.84
CA TRP A 11 6.27 10.70 0.96
C TRP A 11 5.76 9.64 -0.01
N ILE A 12 6.43 9.50 -1.15
CA ILE A 12 6.06 8.52 -2.15
C ILE A 12 6.03 7.13 -1.53
N SER A 13 7.01 6.86 -0.67
CA SER A 13 7.09 5.57 0.02
C SER A 13 5.81 5.35 0.82
N VAL A 14 5.28 6.44 1.36
CA VAL A 14 4.05 6.41 2.13
C VAL A 14 2.86 6.24 1.20
N ALA A 15 2.99 6.75 -0.01
CA ALA A 15 1.94 6.67 -1.01
C ALA A 15 1.64 5.22 -1.35
N VAL A 16 2.70 4.43 -1.48
CA VAL A 16 2.57 3.02 -1.81
C VAL A 16 1.87 2.24 -0.70
N LEU A 17 2.15 2.61 0.55
CA LEU A 17 1.53 1.93 1.69
C LEU A 17 0.02 1.98 1.58
N SER A 18 -0.50 3.15 1.23
CA SER A 18 -1.94 3.33 1.08
C SER A 18 -2.50 2.30 0.11
N ALA A 19 -1.75 2.02 -0.95
CA ALA A 19 -2.16 1.04 -1.94
C ALA A 19 -2.01 -0.38 -1.38
N VAL A 20 -0.92 -0.59 -0.63
CA VAL A 20 -0.64 -1.90 -0.05
C VAL A 20 -1.77 -2.40 0.84
N ILE A 21 -2.22 -1.55 1.77
CA ILE A 21 -3.30 -1.94 2.67
C ILE A 21 -4.54 -2.37 1.88
N CYS A 22 -4.74 -1.72 0.72
CA CYS A 22 -5.87 -2.05 -0.14
C CYS A 22 -5.71 -3.46 -0.72
N LEU A 23 -4.47 -3.82 -1.01
CA LEU A 23 -4.17 -5.13 -1.58
C LEU A 23 -4.46 -6.27 -0.61
N ILE A 24 -3.95 -6.15 0.61
CA ILE A 24 -4.16 -7.19 1.63
C ILE A 24 -5.65 -7.47 1.84
N ILE A 25 -6.47 -6.42 1.77
CA ILE A 25 -7.90 -6.57 1.96
C ILE A 25 -8.49 -7.47 0.89
N VAL A 26 -7.97 -7.32 -0.32
CA VAL A 26 -8.41 -8.12 -1.45
C VAL A 26 -8.23 -9.60 -1.17
N TRP A 27 -7.06 -9.97 -0.69
CA TRP A 27 -6.75 -11.36 -0.38
C TRP A 27 -7.51 -11.80 0.88
N ALA A 28 -7.59 -10.89 1.84
CA ALA A 28 -8.27 -11.17 3.10
C ALA A 28 -9.77 -11.38 2.89
N VAL A 29 -10.23 -11.14 1.67
CA VAL A 29 -11.63 -11.33 1.33
C VAL A 29 -11.78 -12.41 0.27
N ALA A 30 -10.64 -12.94 -0.16
CA ALA A 30 -10.61 -14.00 -1.14
C ALA A 30 -9.97 -15.22 -0.49
N LEU A 31 -9.53 -15.01 0.74
CA LEU A 31 -8.92 -16.05 1.55
C LEU A 31 -9.76 -16.23 2.81
N LYS A 32 -10.94 -15.64 2.79
CA LYS A 32 -11.85 -15.68 3.92
C LYS A 32 -13.11 -16.47 3.56
N GLY A 33 -12.91 -17.67 3.01
CA GLY A 33 -14.02 -18.50 2.62
C GLY A 33 -13.81 -19.16 1.27
N TYR A 34 -12.57 -19.11 0.79
CA TYR A 34 -12.21 -19.68 -0.49
C TYR A 34 -11.02 -20.63 -0.38
N SER A 35 -10.42 -20.67 0.81
CA SER A 35 -9.27 -21.53 1.07
C SER A 35 -9.69 -22.77 1.85
N MET A 36 -10.52 -22.57 2.85
CA MET A 36 -11.00 -23.67 3.69
C MET A 36 -12.23 -24.33 3.09
N VAL A 37 -12.30 -24.35 1.77
CA VAL A 37 -13.42 -24.94 1.06
C VAL A 37 -13.12 -26.39 0.65
#